data_2P0E
#
_entry.id   2P0E
#
_cell.length_a   55.608
_cell.length_b   141.571
_cell.length_c   62.005
_cell.angle_alpha   90.00
_cell.angle_beta   90.00
_cell.angle_gamma   90.00
#
_symmetry.space_group_name_H-M   'C 2 2 21'
#
loop_
_entity.id
_entity.type
_entity.pdbx_description
1 polymer 'Nicotinamide riboside kinase 1'
2 non-polymer 'PHOSPHATE ION'
3 non-polymer 'CHLORIDE ION'
4 non-polymer (1R)-1-[4-(AMINOCARBONYL)-1,3-THIAZOL-2-YL]-1,4-ANHYDRO-D-RIBITOL
5 non-polymer 'UNKNOWN ATOM OR ION'
6 water water
#
_entity_poly.entity_id   1
_entity_poly.type   'polypeptide(L)'
_entity_poly.pdbx_seq_one_letter_code
;(MSE)GSSHHHHHHSSGLVPRGSKTFIIGISGVTNSGKTTLAKNLQKHLPNCSVISQDDFFKPESEIETDKNGFLQYDVL
EALN(MSE)EK(MSE)(MSE)SAISCW(MSE)ESARHSVVSTDQESAEEIPILIIEGFLLFNYKPLDTIWNRSYFLTIPY
EECKRRRSTRVYQPPDSPGYFDGHVWP(MSE)YLKYRQE(MSE)QDITWEVVYLDGTKSEEDLFLQVYEDLIQEL
;
_entity_poly.pdbx_strand_id   A
#
# COMPACT_ATOMS: atom_id res chain seq x y z
N VAL A 15 -6.82 31.97 -9.88
CA VAL A 15 -6.24 31.12 -8.79
C VAL A 15 -4.95 30.41 -9.25
N PRO A 16 -3.83 30.66 -8.56
CA PRO A 16 -2.58 30.03 -8.95
C PRO A 16 -2.61 28.49 -8.99
N ARG A 17 -2.00 27.92 -10.02
CA ARG A 17 -1.89 26.47 -10.15
C ARG A 17 -0.57 25.98 -9.59
N GLY A 18 -0.45 24.66 -9.44
CA GLY A 18 0.80 24.05 -9.01
C GLY A 18 0.72 23.34 -7.67
N SER A 19 -0.32 23.62 -6.87
CA SER A 19 -0.40 23.07 -5.51
C SER A 19 -1.31 21.84 -5.40
N LYS A 20 -2.16 21.63 -6.39
CA LYS A 20 -3.08 20.49 -6.38
C LYS A 20 -2.35 19.16 -6.67
N THR A 21 -2.80 18.10 -6.01
CA THR A 21 -2.27 16.75 -6.22
C THR A 21 -3.40 15.73 -6.16
N PHE A 22 -3.16 14.57 -6.72
CA PHE A 22 -4.11 13.44 -6.60
C PHE A 22 -3.35 12.26 -6.06
N ILE A 23 -3.77 11.78 -4.88
CA ILE A 23 -3.06 10.78 -4.12
C ILE A 23 -3.95 9.51 -4.04
N ILE A 24 -3.39 8.40 -4.51
CA ILE A 24 -4.02 7.09 -4.52
C ILE A 24 -3.34 6.18 -3.50
N GLY A 25 -4.15 5.49 -2.69
CA GLY A 25 -3.70 4.45 -1.78
C GLY A 25 -4.02 3.07 -2.35
N ILE A 26 -3.03 2.20 -2.36
CA ILE A 26 -3.27 0.80 -2.66
C ILE A 26 -2.76 -0.03 -1.49
N SER A 27 -3.69 -0.58 -0.72
CA SER A 27 -3.31 -1.47 0.38
C SER A 27 -3.85 -2.89 0.08
N GLY A 28 -3.75 -3.76 1.05
CA GLY A 28 -4.18 -5.14 0.82
C GLY A 28 -3.29 -6.12 1.56
N VAL A 29 -3.72 -7.37 1.60
CA VAL A 29 -2.97 -8.41 2.28
C VAL A 29 -1.59 -8.61 1.63
N THR A 30 -0.65 -9.21 2.37
CA THR A 30 0.63 -9.64 1.82
C THR A 30 0.45 -10.51 0.55
N ASN A 31 1.38 -10.38 -0.41
CA ASN A 31 1.40 -11.15 -1.67
C ASN A 31 0.16 -11.02 -2.50
N SER A 32 -0.45 -9.83 -2.54
CA SER A 32 -1.66 -9.66 -3.32
C SER A 32 -1.45 -8.91 -4.62
N GLY A 33 -0.23 -8.50 -4.93
CA GLY A 33 0.09 -7.86 -6.23
C GLY A 33 0.01 -6.33 -6.16
N LYS A 34 0.19 -5.78 -4.95
CA LYS A 34 0.11 -4.30 -4.74
C LYS A 34 1.19 -3.52 -5.51
N THR A 35 2.43 -3.98 -5.43
CA THR A 35 3.53 -3.23 -6.05
C THR A 35 3.39 -3.31 -7.57
N THR A 36 3.04 -4.49 -8.08
CA THR A 36 2.80 -4.67 -9.49
C THR A 36 1.68 -3.80 -10.03
N LEU A 37 0.57 -3.74 -9.29
CA LEU A 37 -0.54 -2.89 -9.67
C LEU A 37 -0.12 -1.42 -9.70
N ALA A 38 0.57 -0.96 -8.65
CA ALA A 38 1.14 0.41 -8.61
C ALA A 38 1.97 0.74 -9.87
N LYS A 39 2.86 -0.17 -10.21
CA LYS A 39 3.76 0.00 -11.37
C LYS A 39 3.00 0.02 -12.71
N ASN A 40 1.99 -0.84 -12.84
CA ASN A 40 1.17 -0.89 -14.07
C ASN A 40 0.33 0.37 -14.23
N LEU A 41 -0.23 0.84 -13.12
CA LEU A 41 -0.93 2.13 -13.12
C LEU A 41 0.01 3.29 -13.48
N GLN A 42 1.20 3.32 -12.87
CA GLN A 42 2.19 4.38 -13.14
C GLN A 42 2.59 4.45 -14.65
N LYS A 43 2.75 3.29 -15.28
CA LYS A 43 3.02 3.21 -16.73
C LYS A 43 1.94 3.86 -17.62
N HIS A 44 0.74 4.06 -17.09
CA HIS A 44 -0.41 4.54 -17.85
C HIS A 44 -0.98 5.85 -17.35
N LEU A 45 -0.25 6.49 -16.44
CA LEU A 45 -0.69 7.77 -15.85
C LEU A 45 0.43 8.80 -16.00
N PRO A 46 0.08 10.02 -16.42
CA PRO A 46 1.13 11.01 -16.63
C PRO A 46 1.61 11.58 -15.29
N ASN A 47 2.90 11.90 -15.22
CA ASN A 47 3.48 12.60 -14.04
C ASN A 47 3.08 11.89 -12.75
N CYS A 48 3.36 10.59 -12.72
CA CYS A 48 2.93 9.73 -11.64
C CYS A 48 4.13 9.08 -10.95
N SER A 49 4.20 9.22 -9.62
CA SER A 49 5.21 8.56 -8.83
C SER A 49 4.57 7.49 -7.94
N VAL A 50 5.43 6.64 -7.42
CA VAL A 50 5.06 5.55 -6.48
C VAL A 50 5.98 5.53 -5.26
N ILE A 51 5.38 5.56 -4.07
CA ILE A 51 6.08 5.32 -2.82
C ILE A 51 5.61 3.97 -2.23
N SER A 52 6.57 3.16 -1.81
CA SER A 52 6.33 1.81 -1.30
C SER A 52 6.56 1.74 0.20
N GLN A 53 5.56 1.30 0.95
CA GLN A 53 5.65 1.27 2.40
C GLN A 53 6.75 0.35 2.90
N ASP A 54 7.02 -0.70 2.11
CA ASP A 54 8.06 -1.70 2.43
C ASP A 54 9.47 -1.11 2.42
N ASP A 55 9.62 0.10 1.86
CA ASP A 55 10.88 0.85 1.95
C ASP A 55 11.16 1.48 3.32
N PHE A 56 10.19 1.38 4.24
CA PHE A 56 10.24 2.08 5.53
C PHE A 56 10.24 1.20 6.78
N PHE A 57 10.57 -0.09 6.65
CA PHE A 57 10.71 -0.93 7.84
C PHE A 57 11.89 -0.47 8.71
N LYS A 58 11.68 -0.46 10.02
CA LYS A 58 12.78 -0.22 10.98
C LYS A 58 13.78 -1.36 10.89
N PRO A 59 15.04 -1.10 11.30
CA PRO A 59 16.07 -2.17 11.39
C PRO A 59 15.62 -3.25 12.40
N GLU A 60 16.04 -4.49 12.15
CA GLU A 60 15.62 -5.66 12.97
C GLU A 60 15.82 -5.44 14.48
N SER A 61 16.85 -4.69 14.88
CA SER A 61 17.08 -4.45 16.31
C SER A 61 15.96 -3.65 16.99
N GLU A 62 15.17 -2.93 16.20
CA GLU A 62 14.05 -2.16 16.74
CA GLU A 62 14.05 -2.15 16.72
C GLU A 62 12.74 -2.93 16.67
N ILE A 63 12.77 -4.12 16.08
CA ILE A 63 11.56 -4.96 15.97
C ILE A 63 11.41 -5.78 17.24
N GLU A 64 10.25 -5.71 17.86
CA GLU A 64 9.94 -6.43 19.08
C GLU A 64 9.55 -7.88 18.76
N THR A 65 9.56 -8.73 19.79
CA THR A 65 9.03 -10.09 19.71
C THR A 65 7.79 -10.21 20.60
N ASP A 66 6.91 -11.15 20.30
CA ASP A 66 5.76 -11.43 21.16
C ASP A 66 6.06 -12.60 22.10
N LYS A 67 5.07 -12.96 22.93
CA LYS A 67 5.13 -14.12 23.85
C LYS A 67 5.79 -15.37 23.27
N ASN A 68 5.47 -15.70 22.02
CA ASN A 68 6.01 -16.90 21.40
C ASN A 68 7.31 -16.67 20.66
N GLY A 69 7.88 -15.47 20.80
CA GLY A 69 9.10 -15.10 20.11
C GLY A 69 8.93 -14.83 18.61
N PHE A 70 7.74 -14.47 18.16
CA PHE A 70 7.60 -14.05 16.76
C PHE A 70 7.99 -12.58 16.65
N LEU A 71 8.86 -12.29 15.70
CA LEU A 71 9.21 -10.89 15.37
C LEU A 71 7.95 -10.16 14.84
N GLN A 72 7.68 -8.99 15.41
CA GLN A 72 6.46 -8.24 15.15
CA GLN A 72 6.45 -8.24 15.15
C GLN A 72 6.69 -7.26 14.00
N TYR A 73 6.62 -7.78 12.77
CA TYR A 73 6.80 -6.97 11.57
C TYR A 73 5.50 -6.43 10.99
N ASP A 74 4.36 -7.06 11.29
CA ASP A 74 3.09 -6.75 10.58
C ASP A 74 2.18 -5.82 11.41
N VAL A 75 2.82 -4.78 11.96
CA VAL A 75 2.20 -3.79 12.80
C VAL A 75 2.87 -2.44 12.50
N LEU A 76 2.16 -1.34 12.77
CA LEU A 76 2.71 0.00 12.45
C LEU A 76 4.02 0.32 13.19
N GLU A 77 4.19 -0.25 14.38
CA GLU A 77 5.41 -0.02 15.18
C GLU A 77 6.70 -0.57 14.52
N ALA A 78 6.56 -1.47 13.54
CA ALA A 78 7.69 -1.98 12.73
C ALA A 78 8.18 -1.02 11.65
N LEU A 79 7.41 0.05 11.41
CA LEU A 79 7.60 0.93 10.29
C LEU A 79 7.93 2.34 10.75
N ASN A 80 8.88 2.95 10.06
CA ASN A 80 9.22 4.35 10.32
C ASN A 80 8.29 5.21 9.50
N GLU A 82 7.09 8.17 10.27
CA GLU A 82 7.57 9.55 10.20
C GLU A 82 8.46 9.77 8.98
N LYS A 83 9.34 8.80 8.70
CA LYS A 83 10.19 8.86 7.53
C LYS A 83 9.36 8.73 6.24
N SER A 86 7.79 12.05 5.60
CA SER A 86 8.81 12.91 5.03
C SER A 86 8.97 12.67 3.49
N ALA A 87 8.94 11.39 3.10
CA ALA A 87 9.02 10.99 1.66
C ALA A 87 7.84 11.54 0.86
N ILE A 88 6.65 11.43 1.44
CA ILE A 88 5.45 12.00 0.85
C ILE A 88 5.58 13.52 0.69
N SER A 89 6.06 14.19 1.75
CA SER A 89 6.23 15.61 1.70
C SER A 89 7.28 16.01 0.65
N CYS A 90 8.31 15.21 0.50
CA CYS A 90 9.33 15.45 -0.55
C CYS A 90 8.71 15.35 -1.95
N TRP A 91 7.84 14.36 -2.15
CA TRP A 91 7.14 14.23 -3.41
C TRP A 91 6.28 15.48 -3.71
N GLU A 93 6.62 18.49 -2.68
CA GLU A 93 7.44 19.65 -3.00
C GLU A 93 7.93 19.59 -4.46
N SER A 94 8.42 18.42 -4.88
CA SER A 94 8.75 18.15 -6.27
C SER A 94 7.55 18.34 -7.22
N ALA A 95 6.39 17.81 -6.85
CA ALA A 95 5.19 17.92 -7.63
C ALA A 95 4.82 19.39 -7.95
N ARG A 96 5.03 20.30 -6.99
CA ARG A 96 4.80 21.72 -7.21
C ARG A 96 5.63 22.32 -8.32
N HIS A 97 6.80 21.73 -8.61
CA HIS A 97 7.67 22.22 -9.68
C HIS A 97 7.60 21.39 -10.93
N SER A 98 6.72 20.38 -10.95
CA SER A 98 6.69 19.38 -12.05
C SER A 98 5.95 19.83 -13.31
N VAL A 99 5.22 20.93 -13.23
CA VAL A 99 4.43 21.45 -14.35
C VAL A 99 4.78 22.94 -14.48
N VAL A 100 5.33 23.32 -15.63
CA VAL A 100 5.86 24.68 -15.82
C VAL A 100 4.65 25.60 -15.97
N SER A 101 4.74 26.81 -15.43
CA SER A 101 3.59 27.73 -15.46
C SER A 101 3.25 28.19 -16.89
N THR A 102 1.96 28.27 -17.20
CA THR A 102 1.51 28.93 -18.44
C THR A 102 0.04 29.40 -18.28
N ASP A 103 -0.77 29.28 -19.33
CA ASP A 103 -2.17 29.76 -19.33
C ASP A 103 -3.10 28.88 -18.49
N GLN A 104 -4.34 29.35 -18.30
CA GLN A 104 -5.39 28.58 -17.63
C GLN A 104 -6.68 28.60 -18.44
N GLU A 108 -5.93 22.10 -15.72
CA GLU A 108 -4.74 21.91 -14.90
C GLU A 108 -4.23 20.47 -15.06
N GLU A 109 -2.91 20.32 -15.13
CA GLU A 109 -2.27 19.00 -15.13
C GLU A 109 -1.87 18.67 -13.68
N ILE A 110 -2.60 17.75 -13.04
CA ILE A 110 -2.43 17.48 -11.60
C ILE A 110 -1.52 16.26 -11.36
N PRO A 111 -0.36 16.49 -10.70
CA PRO A 111 0.55 15.38 -10.36
C PRO A 111 -0.12 14.30 -9.51
N ILE A 112 0.27 13.06 -9.77
CA ILE A 112 -0.26 11.88 -9.11
C ILE A 112 0.82 11.15 -8.30
N LEU A 113 0.44 10.78 -7.07
CA LEU A 113 1.24 9.93 -6.26
C LEU A 113 0.44 8.68 -5.92
N ILE A 114 1.08 7.51 -6.07
CA ILE A 114 0.52 6.25 -5.63
C ILE A 114 1.32 5.79 -4.42
N ILE A 115 0.63 5.61 -3.31
CA ILE A 115 1.29 5.09 -2.11
C ILE A 115 0.77 3.65 -1.96
N GLU A 116 1.69 2.68 -1.98
CA GLU A 116 1.30 1.28 -1.88
C GLU A 116 1.96 0.58 -0.70
N GLY A 117 1.19 -0.22 0.00
CA GLY A 117 1.68 -0.91 1.20
C GLY A 117 0.60 -1.67 1.94
N PHE A 118 1.03 -2.68 2.66
CA PHE A 118 0.14 -3.59 3.41
C PHE A 118 -0.60 -2.97 4.62
N LEU A 119 -0.20 -1.79 5.06
CA LEU A 119 -0.68 -1.26 6.32
C LEU A 119 -0.80 0.25 6.27
N LEU A 120 -1.64 0.74 5.35
CA LEU A 120 -1.79 2.18 5.09
C LEU A 120 -3.05 2.76 5.71
N PHE A 121 -4.12 1.96 5.76
CA PHE A 121 -5.46 2.52 6.04
C PHE A 121 -5.87 2.57 7.53
N ASN A 122 -4.94 2.21 8.40
CA ASN A 122 -5.14 2.35 9.85
C ASN A 122 -4.17 3.38 10.42
N TYR A 123 -3.46 4.09 9.54
CA TYR A 123 -2.50 5.11 9.96
C TYR A 123 -3.21 6.46 9.94
N LYS A 124 -3.56 6.93 11.14
CA LYS A 124 -4.45 8.06 11.30
C LYS A 124 -3.95 9.40 10.71
N PRO A 125 -2.64 9.71 10.85
CA PRO A 125 -2.16 10.95 10.19
C PRO A 125 -2.43 11.07 8.68
N LEU A 126 -2.55 9.94 7.98
CA LEU A 126 -2.89 9.92 6.52
C LEU A 126 -4.36 9.71 6.18
N ASP A 127 -5.23 9.70 7.19
CA ASP A 127 -6.63 9.40 6.95
C ASP A 127 -7.32 10.37 5.97
N THR A 128 -6.82 11.58 5.86
CA THR A 128 -7.38 12.55 4.92
C THR A 128 -6.60 12.77 3.62
N ILE A 129 -5.56 11.99 3.40
CA ILE A 129 -4.71 12.13 2.23
C ILE A 129 -5.30 11.47 0.98
N TRP A 130 -6.11 10.43 1.16
CA TRP A 130 -6.49 9.55 0.05
C TRP A 130 -7.58 10.18 -0.82
N ASN A 131 -7.25 10.41 -2.08
CA ASN A 131 -8.27 10.79 -3.06
C ASN A 131 -8.97 9.56 -3.68
N ARG A 132 -8.25 8.44 -3.79
CA ARG A 132 -8.89 7.17 -4.10
C ARG A 132 -8.15 6.08 -3.24
N SER A 133 -8.87 5.02 -2.89
CA SER A 133 -8.30 3.97 -2.05
C SER A 133 -8.77 2.62 -2.61
N TYR A 134 -7.80 1.74 -2.81
CA TYR A 134 -8.01 0.37 -3.31
C TYR A 134 -7.40 -0.61 -2.30
N PHE A 135 -8.03 -1.77 -2.14
CA PHE A 135 -7.59 -2.73 -1.18
C PHE A 135 -7.66 -4.14 -1.74
N LEU A 136 -6.49 -4.76 -1.94
CA LEU A 136 -6.39 -6.09 -2.59
C LEU A 136 -6.61 -7.19 -1.55
N THR A 137 -7.54 -8.09 -1.86
CA THR A 137 -7.89 -9.18 -0.98
C THR A 137 -7.60 -10.55 -1.64
N ILE A 138 -7.09 -11.46 -0.82
CA ILE A 138 -6.97 -12.85 -1.21
CA ILE A 138 -6.87 -12.85 -1.20
C ILE A 138 -7.25 -13.72 0.02
N PRO A 139 -7.98 -14.82 -0.18
CA PRO A 139 -8.31 -15.63 1.01
C PRO A 139 -7.11 -16.38 1.61
N TYR A 140 -7.28 -16.84 2.83
CA TYR A 140 -6.24 -17.48 3.64
C TYR A 140 -5.39 -18.51 2.90
N GLU A 141 -6.03 -19.51 2.30
CA GLU A 141 -5.27 -20.62 1.72
C GLU A 141 -4.33 -20.14 0.61
N GLU A 142 -4.85 -19.35 -0.33
CA GLU A 142 -4.05 -18.89 -1.45
C GLU A 142 -3.02 -17.90 -0.96
N CYS A 143 -3.39 -17.03 -0.01
CA CYS A 143 -2.43 -16.10 0.55
C CYS A 143 -1.22 -16.86 1.15
N LYS A 144 -1.51 -17.87 1.97
CA LYS A 144 -0.47 -18.72 2.59
C LYS A 144 0.44 -19.35 1.55
N ARG A 145 -0.18 -19.88 0.49
CA ARG A 145 0.57 -20.50 -0.59
C ARG A 145 1.53 -19.52 -1.25
N ARG A 146 1.00 -18.34 -1.63
CA ARG A 146 1.81 -17.33 -2.26
C ARG A 146 2.97 -16.89 -1.36
N ARG A 147 2.68 -16.71 -0.09
CA ARG A 147 3.65 -16.22 0.88
C ARG A 147 4.86 -17.18 0.91
N SER A 148 4.57 -18.48 0.86
CA SER A 148 5.62 -19.51 0.89
CA SER A 148 5.62 -19.51 0.89
C SER A 148 6.52 -19.50 -0.36
N THR A 149 6.05 -18.94 -1.47
CA THR A 149 6.87 -18.88 -2.70
C THR A 149 7.87 -17.72 -2.67
N ARG A 150 7.66 -16.76 -1.78
CA ARG A 150 8.54 -15.60 -1.69
C ARG A 150 9.60 -15.83 -0.60
N VAL A 151 10.78 -15.24 -0.81
CA VAL A 151 11.86 -15.28 0.18
C VAL A 151 11.98 -13.92 0.88
N TYR A 152 11.95 -13.96 2.22
CA TYR A 152 12.06 -12.76 3.03
C TYR A 152 13.41 -12.71 3.77
N GLN A 153 13.76 -11.53 4.25
CA GLN A 153 15.00 -11.30 5.03
C GLN A 153 14.65 -10.58 6.35
N PRO A 154 14.62 -11.32 7.48
CA PRO A 154 14.95 -12.76 7.62
C PRO A 154 13.86 -13.67 7.02
N PRO A 155 14.21 -14.94 6.74
CA PRO A 155 13.23 -15.84 6.11
C PRO A 155 12.11 -16.19 7.07
N ASP A 156 10.88 -16.35 6.53
CA ASP A 156 9.75 -16.71 7.35
C ASP A 156 10.07 -17.97 8.16
N SER A 157 9.83 -17.92 9.46
CA SER A 157 9.97 -19.11 10.28
CA SER A 157 9.97 -19.11 10.28
C SER A 157 8.82 -20.04 9.97
N PRO A 158 8.99 -21.33 10.27
CA PRO A 158 7.81 -22.13 10.13
C PRO A 158 6.81 -21.58 11.14
N GLY A 159 5.55 -21.59 10.76
CA GLY A 159 4.51 -21.13 11.63
C GLY A 159 4.34 -19.63 11.70
N TYR A 160 5.16 -18.88 10.97
CA TYR A 160 5.09 -17.40 10.96
C TYR A 160 3.77 -16.91 10.40
N PHE A 161 3.31 -17.55 9.34
CA PHE A 161 2.09 -17.06 8.66
C PHE A 161 0.90 -17.21 9.59
N ASP A 162 0.68 -18.42 10.11
CA ASP A 162 -0.38 -18.63 11.09
C ASP A 162 -0.18 -17.93 12.43
N GLY A 163 1.06 -17.82 12.85
CA GLY A 163 1.37 -17.25 14.15
C GLY A 163 1.42 -15.73 14.21
N HIS A 164 1.67 -15.06 13.07
CA HIS A 164 1.81 -13.60 13.07
C HIS A 164 1.12 -12.94 11.87
N VAL A 165 1.48 -13.35 10.67
CA VAL A 165 1.09 -12.61 9.46
C VAL A 165 -0.46 -12.54 9.37
N TRP A 166 -1.09 -13.71 9.40
CA TRP A 166 -2.52 -13.77 9.22
C TRP A 166 -3.32 -13.16 10.41
N PRO A 167 -3.00 -13.53 11.66
CA PRO A 167 -3.67 -12.80 12.76
C PRO A 167 -3.53 -11.25 12.68
N TYR A 169 -3.09 -9.45 9.97
CA TYR A 169 -3.98 -9.03 8.85
C TYR A 169 -5.45 -8.91 9.30
N LEU A 170 -5.92 -9.94 10.02
CA LEU A 170 -7.25 -9.92 10.56
C LEU A 170 -7.48 -8.72 11.51
N LYS A 171 -6.50 -8.38 12.35
CA LYS A 171 -6.56 -7.20 13.23
C LYS A 171 -6.73 -5.91 12.39
N TYR A 172 -5.96 -5.81 11.33
CA TYR A 172 -6.01 -4.67 10.37
C TYR A 172 -7.38 -4.53 9.75
N ARG A 173 -7.91 -5.65 9.24
CA ARG A 173 -9.25 -5.69 8.68
C ARG A 173 -10.31 -5.27 9.73
N GLN A 174 -10.17 -5.73 10.99
CA GLN A 174 -11.11 -5.27 12.01
CA GLN A 174 -11.04 -5.28 12.10
C GLN A 174 -10.89 -3.77 12.33
N GLU A 175 -9.64 -3.30 12.31
CA GLU A 175 -9.36 -1.85 12.46
C GLU A 175 -10.01 -1.02 11.33
N GLN A 177 -13.02 -1.79 9.69
CA GLN A 177 -14.46 -2.01 9.57
C GLN A 177 -15.24 -0.72 9.74
N ASP A 178 -14.66 0.23 10.47
CA ASP A 178 -15.29 1.51 10.76
C ASP A 178 -14.33 2.68 10.45
N ILE A 179 -14.06 2.84 9.16
CA ILE A 179 -13.06 3.76 8.60
C ILE A 179 -13.85 5.01 8.20
N THR A 180 -13.20 6.16 8.01
CA THR A 180 -13.88 7.44 7.71
C THR A 180 -13.89 7.86 6.21
N TRP A 181 -13.48 6.94 5.32
CA TRP A 181 -13.53 7.18 3.89
C TRP A 181 -13.81 5.85 3.17
N GLU A 182 -14.22 5.94 1.92
CA GLU A 182 -14.61 4.74 1.14
C GLU A 182 -13.37 4.06 0.54
N VAL A 183 -13.39 2.73 0.58
CA VAL A 183 -12.33 1.92 0.01
C VAL A 183 -12.97 0.96 -1.02
N VAL A 184 -12.30 0.80 -2.16
CA VAL A 184 -12.73 -0.15 -3.18
C VAL A 184 -11.93 -1.45 -2.96
N TYR A 185 -12.65 -2.52 -2.64
CA TYR A 185 -12.02 -3.82 -2.36
C TYR A 185 -11.98 -4.63 -3.65
N LEU A 186 -10.84 -5.26 -3.88
CA LEU A 186 -10.48 -5.94 -5.14
C LEU A 186 -10.14 -7.41 -4.88
N ASP A 187 -10.46 -8.24 -5.88
CA ASP A 187 -10.12 -9.66 -5.85
C ASP A 187 -8.71 -9.83 -6.40
N GLY A 188 -7.75 -10.01 -5.49
CA GLY A 188 -6.32 -10.17 -5.83
C GLY A 188 -5.92 -11.47 -6.55
N THR A 189 -6.86 -12.42 -6.64
CA THR A 189 -6.66 -13.65 -7.43
C THR A 189 -6.88 -13.42 -8.96
N LYS A 190 -7.35 -12.21 -9.32
CA LYS A 190 -7.46 -11.85 -10.73
CA LYS A 190 -7.44 -11.74 -10.72
C LYS A 190 -6.07 -11.64 -11.32
N SER A 191 -5.97 -11.77 -12.64
CA SER A 191 -4.70 -11.53 -13.30
C SER A 191 -4.24 -10.06 -13.15
N GLU A 192 -2.97 -9.87 -13.32
CA GLU A 192 -2.35 -8.56 -13.28
C GLU A 192 -3.02 -7.56 -14.26
N GLU A 193 -3.26 -7.97 -15.50
CA GLU A 193 -3.94 -7.10 -16.47
C GLU A 193 -5.40 -6.82 -16.08
N ASP A 194 -6.09 -7.83 -15.56
CA ASP A 194 -7.47 -7.72 -15.11
C ASP A 194 -7.60 -6.65 -14.02
N LEU A 195 -6.74 -6.78 -13.02
CA LEU A 195 -6.66 -5.82 -11.91
C LEU A 195 -6.31 -4.42 -12.39
N PHE A 196 -5.29 -4.32 -13.25
CA PHE A 196 -4.91 -3.03 -13.81
C PHE A 196 -6.11 -2.37 -14.51
N LEU A 197 -6.80 -3.09 -15.41
CA LEU A 197 -7.93 -2.51 -16.17
C LEU A 197 -9.06 -2.06 -15.24
N GLN A 198 -9.38 -2.89 -14.27
CA GLN A 198 -10.43 -2.55 -13.32
C GLN A 198 -10.14 -1.24 -12.57
N VAL A 199 -8.94 -1.17 -12.03
CA VAL A 199 -8.55 0.03 -11.30
C VAL A 199 -8.44 1.26 -12.21
N TYR A 200 -7.80 1.11 -13.36
CA TYR A 200 -7.68 2.20 -14.30
C TYR A 200 -9.07 2.75 -14.68
N GLU A 201 -9.98 1.84 -14.99
CA GLU A 201 -11.39 2.18 -15.30
C GLU A 201 -12.09 3.04 -14.22
N ASP A 202 -11.87 2.68 -12.97
CA ASP A 202 -12.38 3.42 -11.85
C ASP A 202 -11.67 4.77 -11.73
N LEU A 203 -10.35 4.73 -11.77
CA LEU A 203 -9.50 5.87 -11.45
C LEU A 203 -9.71 6.99 -12.43
N ILE A 204 -9.80 6.67 -13.72
CA ILE A 204 -9.85 7.73 -14.72
C ILE A 204 -11.14 8.54 -14.65
N GLN A 205 -12.17 7.96 -14.04
CA GLN A 205 -13.41 8.69 -13.75
C GLN A 205 -13.27 9.62 -12.55
N GLU A 206 -12.25 9.40 -11.71
CA GLU A 206 -12.04 10.23 -10.51
C GLU A 206 -11.07 11.38 -10.76
N LEU A 207 -10.16 11.22 -11.71
CA LEU A 207 -9.12 12.21 -11.97
C LEU A 207 -9.73 13.52 -12.48
#